data_6UAX
#
_entry.id   6UAX
#
_cell.length_a   46.756
_cell.length_b   65.628
_cell.length_c   86.551
_cell.angle_alpha   90.000
_cell.angle_beta   95.960
_cell.angle_gamma   90.000
#
_symmetry.space_group_name_H-M   'P 1 21 1'
#
loop_
_entity.id
_entity.type
_entity.pdbx_description
1 polymer 'Hypothetical serine rich protein'
2 non-polymer 2-AMINO-2-HYDROXYMETHYL-PROPANE-1,3-DIOL
3 non-polymer '4-(2-HYDROXYETHYL)-1-PIPERAZINE ETHANESULFONIC ACID'
4 non-polymer 'CALCIUM ION'
5 non-polymer 'CHLORIDE ION'
6 water water
#
_entity_poly.entity_id   1
_entity_poly.type   'polypeptide(L)'
_entity_poly.pdbx_seq_one_letter_code
;MGSSHHHHHHSSGLVPRGSHMSSDDEAQASSGSSGAGAGSASGSGAASSSGAGAGSSSSSSAASSSSAGASAGSASSSGA
GSSSGSGGAQPTGCKRGLAYGYHSKADMDVLSPAVSWWYNWTHVPDEGVRPDYYRTLGVDYVPMVWGGGNLDSAAAGRIA
SEIPEGARFLLGFNEPNFGAQADLSAAEAAALWPHVEAVADARGLALVSPAVNFCGGDCQETDPFKYLDDFFAACSGCRV
DYIGIHIYTGCKGEGDNQAQWLINHVETYKSRFDKPLWLTEFACDSAGSLAEQKEFLVDALAYLENEPRIAKYAWFSGRA
DNVRHASLLGDDGELNELGQAYVSAPQHACGASTE
;
_entity_poly.pdbx_strand_id   A,B
#
loop_
_chem_comp.id
_chem_comp.type
_chem_comp.name
_chem_comp.formula
CA non-polymer 'CALCIUM ION' 'Ca 2'
CL non-polymer 'CHLORIDE ION' 'Cl -1'
EPE non-polymer '4-(2-HYDROXYETHYL)-1-PIPERAZINE ETHANESULFONIC ACID' 'C8 H18 N2 O4 S'
TRS non-polymer 2-AMINO-2-HYDROXYMETHYL-PROPANE-1,3-DIOL 'C4 H12 N O3 1'
#
# COMPACT_ATOMS: atom_id res chain seq x y z
N GLY A 93 12.47 -25.87 18.70
CA GLY A 93 13.37 -26.95 18.18
C GLY A 93 13.58 -26.86 16.66
N CYS A 94 13.03 -27.79 15.85
CA CYS A 94 13.39 -27.89 14.42
C CYS A 94 12.55 -26.82 13.69
N LYS A 95 13.11 -26.18 12.69
CA LYS A 95 12.49 -24.96 12.14
C LYS A 95 11.44 -25.30 11.01
N ARG A 96 11.63 -26.42 10.31
CA ARG A 96 10.98 -26.60 8.97
C ARG A 96 9.52 -27.12 9.08
N GLY A 97 8.63 -26.24 8.62
CA GLY A 97 7.19 -26.50 8.69
C GLY A 97 6.50 -26.40 7.32
N LEU A 98 5.15 -26.47 7.35
CA LEU A 98 4.33 -26.33 6.15
C LEU A 98 3.05 -25.57 6.47
N ALA A 99 2.64 -24.72 5.54
CA ALA A 99 1.37 -24.02 5.61
C ALA A 99 0.35 -24.73 4.68
N TYR A 100 -0.49 -25.58 5.25
CA TYR A 100 -1.38 -26.42 4.38
C TYR A 100 -2.40 -27.02 5.32
N GLY A 101 -3.63 -27.19 4.76
CA GLY A 101 -4.75 -27.68 5.60
C GLY A 101 -5.43 -28.98 5.09
N TYR A 102 -4.82 -29.68 4.17
CA TYR A 102 -5.50 -30.85 3.52
C TYR A 102 -4.54 -32.03 3.44
N HIS A 103 -3.70 -32.24 4.46
CA HIS A 103 -2.84 -33.44 4.52
C HIS A 103 -3.69 -34.71 4.64
N SER A 104 -3.30 -35.72 3.88
CA SER A 104 -3.65 -37.13 4.14
C SER A 104 -2.60 -37.76 5.03
N LYS A 105 -2.87 -38.94 5.59
CA LYS A 105 -1.85 -39.71 6.28
C LYS A 105 -0.61 -39.92 5.42
N ALA A 106 -0.84 -40.36 4.19
CA ALA A 106 0.29 -40.65 3.29
C ALA A 106 1.10 -39.37 3.00
N ASP A 107 0.43 -38.26 2.79
CA ASP A 107 1.14 -36.97 2.63
C ASP A 107 2.05 -36.70 3.82
N MET A 108 1.51 -36.86 5.02
CA MET A 108 2.35 -36.54 6.22
C MET A 108 3.46 -37.61 6.38
N ASP A 109 3.21 -38.86 5.98
CA ASP A 109 4.28 -39.89 6.00
C ASP A 109 5.51 -39.39 5.23
N VAL A 110 5.33 -38.81 4.04
CA VAL A 110 6.48 -38.49 3.17
C VAL A 110 7.11 -37.14 3.55
N LEU A 111 6.36 -36.27 4.19
CA LEU A 111 6.88 -34.95 4.61
C LEU A 111 7.65 -35.05 5.93
N SER A 112 7.11 -35.84 6.87
N SER A 112 7.23 -35.92 6.84
CA SER A 112 7.56 -35.94 8.30
CA SER A 112 7.85 -36.07 8.19
C SER A 112 9.04 -36.25 8.48
C SER A 112 8.84 -37.20 8.24
N PRO A 113 9.80 -36.84 7.53
N PRO A 113 10.03 -37.03 8.87
CA PRO A 113 11.23 -37.02 7.79
CA PRO A 113 10.21 -36.17 10.04
C PRO A 113 11.94 -35.68 8.15
C PRO A 113 10.85 -34.80 9.65
N ALA A 114 11.48 -34.53 7.65
N ALA A 114 11.27 -34.62 8.37
CA ALA A 114 12.13 -33.20 7.87
CA ALA A 114 11.99 -33.41 7.88
C ALA A 114 11.14 -32.10 8.22
C ALA A 114 11.17 -32.15 8.14
N VAL A 115 9.86 -32.27 7.93
CA VAL A 115 8.84 -31.24 8.21
C VAL A 115 8.25 -31.60 9.59
N SER A 116 8.69 -30.84 10.59
CA SER A 116 8.41 -31.14 11.98
C SER A 116 7.18 -30.43 12.56
N TRP A 117 6.57 -29.51 11.82
CA TRP A 117 5.37 -28.82 12.33
C TRP A 117 4.52 -28.38 11.12
N TRP A 118 3.29 -27.98 11.41
CA TRP A 118 2.47 -27.35 10.35
C TRP A 118 1.38 -26.55 11.02
N TYR A 119 0.73 -25.72 10.20
CA TYR A 119 -0.48 -25.03 10.60
C TYR A 119 -1.42 -24.94 9.37
N ASN A 120 -2.65 -24.57 9.65
CA ASN A 120 -3.69 -24.71 8.58
C ASN A 120 -4.65 -23.56 8.66
N TRP A 121 -4.31 -22.43 9.25
CA TRP A 121 -5.14 -21.20 9.31
C TRP A 121 -6.40 -21.37 10.16
N THR A 122 -6.55 -22.48 10.87
CA THR A 122 -7.62 -22.63 11.88
C THR A 122 -7.07 -23.17 13.17
N HIS A 123 -7.86 -23.72 14.09
CA HIS A 123 -7.33 -24.21 15.39
C HIS A 123 -7.52 -25.67 15.66
N VAL A 124 -8.07 -26.41 14.69
CA VAL A 124 -8.27 -27.90 14.72
CA VAL A 124 -8.14 -27.90 14.79
C VAL A 124 -7.43 -28.48 13.58
N PRO A 125 -6.64 -29.53 13.82
CA PRO A 125 -5.78 -30.10 12.80
C PRO A 125 -6.59 -30.74 11.66
N ASP A 126 -5.95 -30.84 10.47
CA ASP A 126 -6.52 -31.45 9.25
C ASP A 126 -7.22 -32.75 9.58
N GLU A 127 -8.41 -32.90 9.02
CA GLU A 127 -9.27 -34.08 9.29
C GLU A 127 -8.53 -35.37 8.95
N GLY A 128 -7.76 -35.40 7.85
CA GLY A 128 -7.14 -36.64 7.40
C GLY A 128 -6.15 -37.24 8.38
N VAL A 129 -5.61 -36.45 9.33
CA VAL A 129 -4.50 -36.91 10.23
C VAL A 129 -4.90 -36.83 11.71
N ARG A 130 -6.16 -36.50 12.00
CA ARG A 130 -6.61 -36.28 13.40
C ARG A 130 -7.52 -37.41 13.87
N PRO A 131 -7.59 -37.68 15.18
CA PRO A 131 -6.86 -36.95 16.24
C PRO A 131 -5.47 -37.46 16.62
N ASP A 132 -5.07 -38.63 16.10
CA ASP A 132 -3.89 -39.35 16.61
C ASP A 132 -2.71 -39.41 15.63
N TYR A 133 -2.92 -39.49 14.32
CA TYR A 133 -1.86 -39.93 13.40
C TYR A 133 -0.68 -38.95 13.41
N TYR A 134 -0.97 -37.66 13.34
CA TYR A 134 0.13 -36.66 13.37
C TYR A 134 0.94 -36.77 14.67
N ARG A 135 0.25 -37.06 15.78
CA ARG A 135 0.94 -37.17 17.07
C ARG A 135 1.83 -38.41 17.09
N THR A 136 1.33 -39.51 16.54
CA THR A 136 2.13 -40.73 16.47
C THR A 136 3.40 -40.46 15.63
N LEU A 137 3.30 -39.68 14.55
CA LEU A 137 4.47 -39.34 13.67
C LEU A 137 5.40 -38.30 14.35
N GLY A 138 4.92 -37.63 15.36
CA GLY A 138 5.65 -36.62 16.12
C GLY A 138 5.73 -35.28 15.41
N VAL A 139 4.76 -34.99 14.58
CA VAL A 139 4.67 -33.66 13.92
C VAL A 139 3.86 -32.75 14.82
N ASP A 140 4.32 -31.53 15.03
CA ASP A 140 3.63 -30.57 15.90
C ASP A 140 2.54 -29.83 15.10
N TYR A 141 1.37 -29.70 15.67
CA TYR A 141 0.27 -28.87 15.10
C TYR A 141 0.29 -27.53 15.86
N VAL A 142 0.27 -26.45 15.06
CA VAL A 142 0.21 -25.07 15.63
C VAL A 142 -1.16 -24.49 15.27
N PRO A 143 -2.01 -24.23 16.26
CA PRO A 143 -3.28 -23.56 16.01
C PRO A 143 -3.15 -22.09 15.66
N MET A 144 -4.16 -21.45 15.10
CA MET A 144 -4.28 -20.07 14.73
C MET A 144 -5.65 -19.52 15.13
N VAL A 145 -5.72 -18.26 15.57
CA VAL A 145 -6.94 -17.43 15.56
C VAL A 145 -6.82 -16.55 14.33
N TRP A 146 -7.58 -16.88 13.24
CA TRP A 146 -7.31 -16.24 11.95
C TRP A 146 -7.71 -14.76 11.96
N GLY A 147 -8.85 -14.46 12.59
CA GLY A 147 -9.41 -13.13 12.51
C GLY A 147 -10.16 -12.73 13.74
N GLY A 148 -10.74 -11.53 13.64
N GLY A 148 -10.83 -11.56 13.70
CA GLY A 148 -11.34 -10.82 14.76
CA GLY A 148 -11.70 -11.11 14.80
C GLY A 148 -12.84 -10.99 14.89
C GLY A 148 -13.17 -10.97 14.43
N GLY A 149 -13.47 -11.82 14.05
N GLY A 149 -13.70 -11.96 13.69
CA GLY A 149 -14.94 -11.93 14.03
CA GLY A 149 -15.06 -11.93 13.11
C GLY A 149 -15.45 -12.89 15.08
C GLY A 149 -16.18 -12.11 14.14
N ASN A 150 -16.58 -12.55 15.68
N ASN A 150 -16.01 -12.97 15.17
CA ASN A 150 -17.31 -13.44 16.60
CA ASN A 150 -17.00 -13.17 16.28
C ASN A 150 -16.45 -13.74 17.83
C ASN A 150 -16.24 -13.70 17.49
N LEU A 151 -15.58 -12.79 18.23
CA LEU A 151 -14.58 -13.11 19.24
C LEU A 151 -14.97 -12.44 20.56
N ASP A 152 -15.09 -13.22 21.62
CA ASP A 152 -15.32 -12.78 23.02
C ASP A 152 -14.77 -13.86 23.99
N SER A 153 -14.99 -13.69 25.29
CA SER A 153 -14.48 -14.66 26.30
CA SER A 153 -14.48 -14.65 26.30
C SER A 153 -15.07 -16.05 26.03
N ALA A 154 -16.36 -16.17 25.73
CA ALA A 154 -16.97 -17.48 25.47
C ALA A 154 -16.26 -18.16 24.27
N ALA A 155 -16.02 -17.43 23.18
CA ALA A 155 -15.29 -17.97 22.04
C ALA A 155 -13.89 -18.40 22.44
N ALA A 156 -13.21 -17.59 23.27
CA ALA A 156 -11.86 -17.98 23.73
C ALA A 156 -11.94 -19.34 24.45
N GLY A 157 -12.92 -19.49 25.31
CA GLY A 157 -13.08 -20.76 26.02
C GLY A 157 -13.26 -21.93 25.08
N ARG A 158 -14.13 -21.78 24.08
CA ARG A 158 -14.39 -22.83 23.10
C ARG A 158 -13.07 -23.19 22.39
N ILE A 159 -12.39 -22.16 21.86
CA ILE A 159 -11.15 -22.43 21.10
C ILE A 159 -10.18 -23.18 22.04
N ALA A 160 -10.03 -22.72 23.28
CA ALA A 160 -9.09 -23.40 24.20
C ALA A 160 -9.46 -24.88 24.40
N SER A 161 -10.73 -25.22 24.49
N SER A 161 -10.77 -25.16 24.43
CA SER A 161 -11.16 -26.62 24.69
CA SER A 161 -11.35 -26.52 24.60
C SER A 161 -11.13 -27.43 23.35
C SER A 161 -11.05 -27.38 23.36
N GLU A 162 -11.10 -26.77 22.18
CA GLU A 162 -11.03 -27.47 20.87
C GLU A 162 -9.59 -27.70 20.35
N ILE A 163 -8.66 -26.80 20.69
CA ILE A 163 -7.27 -27.00 20.26
C ILE A 163 -6.81 -28.34 20.84
N PRO A 164 -6.09 -29.17 20.08
CA PRO A 164 -5.74 -30.48 20.58
C PRO A 164 -4.76 -30.44 21.76
N GLU A 165 -4.80 -31.53 22.57
CA GLU A 165 -3.72 -31.80 23.51
C GLU A 165 -2.40 -31.81 22.73
N GLY A 166 -1.40 -31.23 23.36
CA GLY A 166 -0.02 -31.20 22.86
C GLY A 166 0.43 -29.86 22.26
N ALA A 167 -0.54 -28.98 22.01
CA ALA A 167 -0.19 -27.65 21.47
C ALA A 167 0.80 -26.92 22.40
N ARG A 168 1.68 -26.17 21.74
CA ARG A 168 2.64 -25.31 22.46
C ARG A 168 2.69 -23.86 21.98
N PHE A 169 2.10 -23.51 20.85
CA PHE A 169 2.15 -22.21 20.22
C PHE A 169 0.75 -21.80 19.78
N LEU A 170 0.52 -20.53 19.59
CA LEU A 170 -0.74 -19.99 19.02
C LEU A 170 -0.37 -18.86 18.11
N LEU A 171 -0.82 -18.91 16.88
CA LEU A 171 -0.64 -17.86 15.90
C LEU A 171 -1.75 -16.83 15.99
N GLY A 172 -1.45 -15.55 15.94
CA GLY A 172 -2.39 -14.48 15.82
C GLY A 172 -2.94 -14.25 14.42
N PHE A 173 -3.64 -13.16 14.25
CA PHE A 173 -4.50 -12.95 13.06
C PHE A 173 -3.72 -12.94 11.77
N ASN A 174 -4.35 -13.49 10.69
CA ASN A 174 -3.66 -13.62 9.40
C ASN A 174 -3.82 -12.40 8.52
N GLU A 175 -2.73 -11.66 8.27
CA GLU A 175 -2.66 -10.54 7.32
C GLU A 175 -3.74 -9.56 7.67
N PRO A 176 -3.80 -9.01 8.92
CA PRO A 176 -4.85 -8.05 9.29
C PRO A 176 -4.74 -6.74 8.50
N ASN A 177 -3.52 -6.44 8.02
CA ASN A 177 -3.34 -5.19 7.25
C ASN A 177 -3.95 -5.20 5.84
N PHE A 178 -4.38 -6.38 5.40
CA PHE A 178 -5.04 -6.59 4.10
C PHE A 178 -6.57 -6.56 4.28
N GLY A 179 -7.22 -5.68 3.51
CA GLY A 179 -8.71 -5.69 3.44
C GLY A 179 -9.33 -7.03 3.06
N ALA A 180 -8.65 -7.83 2.28
CA ALA A 180 -9.20 -9.12 1.81
C ALA A 180 -8.90 -10.25 2.82
N GLN A 181 -8.08 -10.02 3.86
CA GLN A 181 -7.79 -11.05 4.86
C GLN A 181 -8.45 -10.69 6.20
N ALA A 182 -7.72 -10.67 7.35
CA ALA A 182 -8.38 -10.44 8.66
C ALA A 182 -8.89 -8.98 8.78
N ASP A 183 -8.32 -8.04 8.00
CA ASP A 183 -8.94 -6.71 7.83
C ASP A 183 -9.23 -6.05 9.19
N LEU A 184 -8.15 -5.83 9.97
CA LEU A 184 -8.20 -5.14 11.27
C LEU A 184 -7.12 -4.04 11.28
N SER A 185 -7.50 -2.82 11.71
CA SER A 185 -6.45 -1.82 12.01
C SER A 185 -5.54 -2.39 13.11
N ALA A 186 -4.31 -1.84 13.21
CA ALA A 186 -3.40 -2.22 14.31
C ALA A 186 -4.10 -1.97 15.66
N ALA A 187 -4.85 -0.89 15.78
CA ALA A 187 -5.60 -0.60 17.02
C ALA A 187 -6.67 -1.63 17.34
N GLU A 188 -7.45 -2.05 16.30
CA GLU A 188 -8.49 -3.08 16.49
C GLU A 188 -7.88 -4.44 16.83
N ALA A 189 -6.79 -4.80 16.17
CA ALA A 189 -6.09 -6.07 16.43
C ALA A 189 -5.59 -6.10 17.89
N ALA A 190 -5.04 -4.95 18.35
CA ALA A 190 -4.53 -4.81 19.75
C ALA A 190 -5.69 -4.92 20.74
N ALA A 191 -6.84 -4.29 20.40
CA ALA A 191 -7.99 -4.30 21.32
C ALA A 191 -8.62 -5.71 21.49
N LEU A 192 -8.54 -6.54 20.45
CA LEU A 192 -9.06 -7.91 20.46
C LEU A 192 -8.04 -8.92 20.92
N TRP A 193 -6.77 -8.50 21.02
CA TRP A 193 -5.67 -9.41 21.44
C TRP A 193 -5.96 -10.08 22.79
N PRO A 194 -6.64 -9.43 23.75
CA PRO A 194 -6.92 -10.13 25.01
C PRO A 194 -7.60 -11.49 24.85
N HIS A 195 -8.47 -11.64 23.84
CA HIS A 195 -9.13 -12.94 23.61
C HIS A 195 -8.11 -13.97 23.13
N VAL A 196 -7.21 -13.59 22.24
CA VAL A 196 -6.13 -14.48 21.78
C VAL A 196 -5.21 -14.87 22.95
N GLU A 197 -4.82 -13.86 23.74
CA GLU A 197 -3.95 -14.09 24.90
C GLU A 197 -4.67 -14.96 25.94
N ALA A 198 -5.98 -14.83 26.07
CA ALA A 198 -6.72 -15.63 27.05
C ALA A 198 -6.65 -17.12 26.66
N VAL A 199 -6.76 -17.45 25.38
CA VAL A 199 -6.59 -18.84 24.89
C VAL A 199 -5.18 -19.35 25.28
N ALA A 200 -4.16 -18.57 24.92
CA ALA A 200 -2.77 -18.99 25.16
C ALA A 200 -2.48 -19.13 26.67
N ASP A 201 -3.00 -18.22 27.48
CA ASP A 201 -2.78 -18.34 28.94
C ASP A 201 -3.44 -19.59 29.50
N ALA A 202 -4.66 -19.87 29.03
CA ALA A 202 -5.41 -21.03 29.54
C ALA A 202 -4.62 -22.31 29.18
N ARG A 203 -4.06 -22.36 27.98
CA ARG A 203 -3.51 -23.63 27.42
C ARG A 203 -1.99 -23.75 27.60
N GLY A 204 -1.33 -22.67 28.02
CA GLY A 204 0.14 -22.65 28.19
C GLY A 204 0.89 -22.55 26.86
N LEU A 205 0.43 -21.67 25.97
CA LEU A 205 0.97 -21.51 24.62
C LEU A 205 1.80 -20.22 24.52
N ALA A 206 2.91 -20.30 23.80
CA ALA A 206 3.68 -19.11 23.40
C ALA A 206 3.01 -18.44 22.23
N LEU A 207 2.99 -17.16 22.08
CA LEU A 207 2.16 -16.35 21.15
C LEU A 207 2.96 -15.80 20.00
N VAL A 208 2.49 -15.97 18.77
CA VAL A 208 3.05 -15.34 17.57
C VAL A 208 2.15 -14.20 17.21
N SER A 209 2.73 -13.04 16.90
CA SER A 209 2.01 -11.82 16.50
C SER A 209 1.07 -12.09 15.29
N PRO A 210 0.13 -11.19 15.07
CA PRO A 210 -0.52 -11.21 13.75
C PRO A 210 0.55 -11.18 12.64
N ALA A 211 0.30 -11.93 11.55
CA ALA A 211 1.29 -12.12 10.49
C ALA A 211 1.11 -11.05 9.42
N VAL A 212 2.16 -10.33 9.07
CA VAL A 212 2.13 -9.21 8.13
C VAL A 212 2.95 -9.45 6.86
N ASN A 213 2.65 -8.64 5.86
CA ASN A 213 3.43 -8.57 4.59
C ASN A 213 3.12 -7.21 3.97
N PHE A 214 3.92 -6.82 3.00
CA PHE A 214 3.66 -5.64 2.15
C PHE A 214 2.32 -5.83 1.44
N CYS A 215 1.49 -4.81 1.49
CA CYS A 215 0.18 -4.79 0.79
C CYS A 215 0.28 -3.68 -0.25
N GLY A 216 -0.26 -3.97 -1.46
CA GLY A 216 -0.26 -2.99 -2.56
C GLY A 216 -1.66 -2.58 -2.99
N GLY A 217 -2.68 -3.35 -2.66
CA GLY A 217 -4.05 -3.10 -3.07
C GLY A 217 -4.98 -3.41 -1.94
N ASP A 218 -6.00 -2.57 -1.74
CA ASP A 218 -7.06 -2.78 -0.70
C ASP A 218 -6.40 -3.07 0.65
N CYS A 219 -5.75 -2.01 1.20
CA CYS A 219 -4.85 -2.15 2.37
C CYS A 219 -5.34 -1.29 3.51
N GLN A 220 -5.49 -1.85 4.69
CA GLN A 220 -5.58 -1.02 5.93
C GLN A 220 -4.24 -0.32 6.16
N GLU A 221 -3.17 -1.03 5.87
CA GLU A 221 -1.78 -0.52 6.04
C GLU A 221 -0.87 -1.18 5.01
N THR A 222 -0.25 -0.41 4.13
CA THR A 222 0.63 -0.96 3.09
C THR A 222 1.95 -1.52 3.66
N ASP A 223 2.46 -0.86 4.68
CA ASP A 223 3.83 -1.07 5.19
C ASP A 223 3.78 -1.99 6.42
N PRO A 224 4.34 -3.23 6.31
CA PRO A 224 4.25 -4.20 7.38
C PRO A 224 5.02 -3.80 8.66
N PHE A 225 6.09 -3.05 8.45
CA PHE A 225 6.93 -2.64 9.61
C PHE A 225 6.18 -1.59 10.42
N LYS A 226 5.54 -0.68 9.68
CA LYS A 226 4.67 0.31 10.31
C LYS A 226 3.54 -0.34 11.08
N TYR A 227 2.86 -1.33 10.39
CA TYR A 227 1.74 -2.00 11.06
C TYR A 227 2.20 -2.55 12.43
N LEU A 228 3.32 -3.28 12.40
CA LEU A 228 3.81 -3.88 13.66
C LEU A 228 4.23 -2.82 14.71
N ASP A 229 4.82 -1.71 14.28
CA ASP A 229 5.17 -0.63 15.26
C ASP A 229 3.89 -0.18 15.92
N ASP A 230 2.85 0.01 15.07
CA ASP A 230 1.52 0.53 15.55
C ASP A 230 0.81 -0.48 16.45
N PHE A 231 0.88 -1.76 16.08
CA PHE A 231 0.30 -2.83 16.89
C PHE A 231 0.97 -2.83 18.31
N PHE A 232 2.29 -2.92 18.32
CA PHE A 232 3.00 -2.92 19.64
C PHE A 232 2.67 -1.67 20.47
N ALA A 233 2.62 -0.51 19.84
CA ALA A 233 2.21 0.70 20.56
C ALA A 233 0.85 0.55 21.19
N ALA A 234 -0.09 -0.01 20.38
CA ALA A 234 -1.50 -0.17 20.82
C ALA A 234 -1.72 -1.35 21.77
N CYS A 235 -0.76 -2.25 21.84
CA CYS A 235 -0.79 -3.51 22.63
C CYS A 235 0.35 -3.50 23.68
N SER A 236 0.47 -2.35 24.40
CA SER A 236 1.73 -2.14 25.22
C SER A 236 1.80 -3.12 26.36
N GLY A 237 0.70 -3.65 26.87
CA GLY A 237 0.65 -4.60 27.98
C GLY A 237 0.48 -6.03 27.53
N CYS A 238 0.47 -6.29 26.25
CA CYS A 238 0.14 -7.59 25.67
C CYS A 238 1.31 -8.56 25.68
N ARG A 239 1.07 -9.85 25.81
CA ARG A 239 2.11 -10.85 25.62
C ARG A 239 2.22 -11.19 24.13
N VAL A 240 3.37 -11.05 23.53
CA VAL A 240 3.69 -11.44 22.15
C VAL A 240 5.09 -12.01 22.15
N ASP A 241 5.28 -13.30 22.04
CA ASP A 241 6.61 -13.96 22.16
C ASP A 241 7.43 -13.84 20.87
N TYR A 242 6.76 -13.90 19.71
CA TYR A 242 7.42 -13.94 18.40
C TYR A 242 6.65 -13.05 17.43
N ILE A 243 7.30 -12.62 16.35
CA ILE A 243 6.70 -11.84 15.26
C ILE A 243 6.45 -12.80 14.08
N GLY A 244 5.22 -12.76 13.53
CA GLY A 244 4.80 -13.53 12.31
C GLY A 244 4.98 -12.67 11.08
N ILE A 245 5.63 -13.25 10.05
CA ILE A 245 5.83 -12.57 8.74
C ILE A 245 5.52 -13.57 7.58
N HIS A 246 5.10 -12.90 6.51
CA HIS A 246 4.95 -13.58 5.20
C HIS A 246 5.86 -12.89 4.20
N ILE A 247 6.58 -13.64 3.36
CA ILE A 247 7.41 -13.04 2.28
C ILE A 247 7.15 -13.80 0.99
N TYR A 248 6.79 -13.04 -0.05
CA TYR A 248 6.70 -13.59 -1.42
C TYR A 248 7.44 -12.60 -2.31
N THR A 249 8.54 -13.03 -2.93
CA THR A 249 9.31 -12.23 -3.87
C THR A 249 9.41 -12.89 -5.21
N GLY A 250 9.96 -12.20 -6.17
CA GLY A 250 10.36 -12.86 -7.41
C GLY A 250 11.44 -13.90 -7.17
N CYS A 251 11.68 -14.75 -8.17
CA CYS A 251 12.49 -15.94 -8.03
C CYS A 251 13.98 -15.72 -8.32
N LYS A 252 14.38 -14.58 -8.91
CA LYS A 252 15.75 -14.46 -9.45
C LYS A 252 16.77 -13.96 -8.44
N GLY A 253 16.37 -13.17 -7.46
CA GLY A 253 17.35 -12.70 -6.46
C GLY A 253 18.47 -11.91 -7.11
N GLU A 254 19.67 -12.01 -6.53
CA GLU A 254 20.85 -11.16 -6.84
C GLU A 254 22.06 -12.09 -7.02
N GLY A 255 22.77 -11.94 -8.10
CA GLY A 255 23.89 -12.81 -8.39
C GLY A 255 23.49 -14.25 -8.33
N ASP A 256 24.23 -15.05 -7.60
CA ASP A 256 23.98 -16.50 -7.50
C ASP A 256 22.99 -16.82 -6.37
N ASN A 257 22.49 -15.85 -5.65
CA ASN A 257 21.57 -16.15 -4.52
C ASN A 257 20.17 -15.79 -4.97
N GLN A 258 19.45 -16.84 -5.39
CA GLN A 258 18.08 -16.62 -5.95
C GLN A 258 17.10 -16.19 -4.88
N ALA A 259 17.49 -16.36 -3.58
CA ALA A 259 16.61 -15.94 -2.45
C ALA A 259 17.02 -14.55 -1.90
N GLN A 260 17.86 -13.79 -2.61
CA GLN A 260 18.38 -12.54 -1.99
C GLN A 260 17.25 -11.57 -1.67
N TRP A 261 16.18 -11.50 -2.47
CA TRP A 261 15.15 -10.50 -2.17
C TRP A 261 14.41 -10.89 -0.89
N LEU A 262 14.20 -12.20 -0.65
CA LEU A 262 13.62 -12.67 0.63
C LEU A 262 14.58 -12.36 1.81
N ILE A 263 15.86 -12.67 1.61
CA ILE A 263 16.88 -12.36 2.64
C ILE A 263 16.83 -10.89 2.99
N ASN A 264 16.83 -10.02 2.00
CA ASN A 264 16.82 -8.59 2.32
C ASN A 264 15.66 -8.17 3.19
N HIS A 265 14.46 -8.74 2.90
CA HIS A 265 13.28 -8.45 3.77
C HIS A 265 13.49 -9.00 5.20
N VAL A 266 13.97 -10.20 5.35
CA VAL A 266 14.26 -10.70 6.74
C VAL A 266 15.28 -9.76 7.45
N GLU A 267 16.25 -9.28 6.71
CA GLU A 267 17.26 -8.36 7.35
C GLU A 267 16.53 -7.09 7.76
N THR A 268 15.55 -6.54 7.06
CA THR A 268 14.81 -5.37 7.49
C THR A 268 14.06 -5.65 8.79
N TYR A 269 13.32 -6.78 8.84
CA TYR A 269 12.60 -7.15 10.10
C TYR A 269 13.68 -7.24 11.25
N LYS A 270 14.83 -7.84 11.00
CA LYS A 270 15.83 -8.02 12.07
C LYS A 270 16.31 -6.66 12.62
N SER A 271 16.36 -5.64 11.77
N SER A 271 16.37 -5.63 11.77
CA SER A 271 16.83 -4.30 12.19
CA SER A 271 16.85 -4.29 12.15
C SER A 271 15.70 -3.52 12.84
C SER A 271 15.72 -3.50 12.81
N ARG A 272 14.45 -3.72 12.39
CA ARG A 272 13.31 -2.97 12.89
C ARG A 272 12.78 -3.50 14.21
N PHE A 273 13.04 -4.74 14.56
CA PHE A 273 12.43 -5.41 15.75
C PHE A 273 13.52 -6.24 16.42
N ASP A 274 13.31 -6.56 17.70
CA ASP A 274 14.23 -7.45 18.45
C ASP A 274 13.65 -8.81 18.75
N LYS A 275 12.35 -9.00 18.60
CA LYS A 275 11.80 -10.33 18.89
C LYS A 275 12.19 -11.36 17.82
N PRO A 276 12.21 -12.66 18.19
CA PRO A 276 12.40 -13.71 17.18
C PRO A 276 11.20 -13.78 16.23
N LEU A 277 11.55 -14.34 15.08
CA LEU A 277 10.64 -14.31 13.89
C LEU A 277 10.19 -15.76 13.53
N TRP A 278 8.90 -15.82 13.10
CA TRP A 278 8.35 -17.01 12.37
C TRP A 278 7.93 -16.54 10.98
N LEU A 279 8.57 -17.16 9.99
CA LEU A 279 8.23 -16.88 8.59
C LEU A 279 7.13 -17.91 8.18
N THR A 280 5.89 -17.51 8.41
CA THR A 280 4.77 -18.52 8.33
C THR A 280 4.23 -18.72 6.92
N GLU A 281 4.63 -17.91 5.96
CA GLU A 281 4.36 -18.27 4.51
C GLU A 281 5.51 -17.73 3.66
N PHE A 282 6.04 -18.48 2.75
CA PHE A 282 6.95 -17.97 1.70
C PHE A 282 6.90 -18.94 0.51
N ALA A 283 7.32 -18.35 -0.59
CA ALA A 283 7.54 -19.00 -1.91
C ALA A 283 7.92 -17.87 -2.86
N CYS A 284 8.42 -18.19 -4.05
CA CYS A 284 8.64 -17.12 -5.02
C CYS A 284 7.40 -17.05 -5.96
N ASP A 285 7.16 -15.89 -6.49
CA ASP A 285 5.84 -15.60 -7.11
C ASP A 285 5.98 -15.31 -8.62
N SER A 286 7.11 -15.59 -9.23
CA SER A 286 7.36 -15.28 -10.66
C SER A 286 7.90 -16.49 -11.39
N ALA A 287 7.69 -17.72 -10.90
CA ALA A 287 8.44 -18.88 -11.47
C ALA A 287 7.96 -19.16 -12.90
N GLY A 288 8.84 -18.98 -13.89
CA GLY A 288 8.59 -19.31 -15.29
C GLY A 288 8.78 -20.78 -15.60
N SER A 289 9.34 -21.52 -14.67
CA SER A 289 9.61 -22.97 -14.74
C SER A 289 9.73 -23.55 -13.36
N LEU A 290 9.64 -24.81 -13.19
CA LEU A 290 9.90 -25.47 -11.92
C LEU A 290 11.34 -25.16 -11.44
N ALA A 291 12.33 -25.18 -12.33
CA ALA A 291 13.75 -24.98 -11.97
C ALA A 291 13.85 -23.63 -11.25
N GLU A 292 13.14 -22.60 -11.64
CA GLU A 292 13.27 -21.28 -10.98
C GLU A 292 12.78 -21.39 -9.55
N GLN A 293 11.69 -22.05 -9.26
CA GLN A 293 11.22 -22.15 -7.84
C GLN A 293 12.17 -23.03 -7.05
N LYS A 294 12.73 -24.07 -7.62
CA LYS A 294 13.63 -24.98 -6.91
C LYS A 294 14.90 -24.19 -6.49
N GLU A 295 15.51 -23.43 -7.41
CA GLU A 295 16.77 -22.72 -7.02
C GLU A 295 16.44 -21.69 -5.93
N PHE A 296 15.34 -20.99 -5.97
CA PHE A 296 14.91 -20.08 -4.91
C PHE A 296 14.77 -20.84 -3.59
N LEU A 297 14.09 -21.97 -3.56
CA LEU A 297 13.84 -22.74 -2.34
C LEU A 297 15.20 -23.15 -1.74
N VAL A 298 16.08 -23.69 -2.50
CA VAL A 298 17.36 -24.17 -1.96
C VAL A 298 18.11 -23.00 -1.27
N ASP A 299 18.21 -21.85 -1.95
CA ASP A 299 18.96 -20.69 -1.36
C ASP A 299 18.20 -20.15 -0.19
N ALA A 300 16.89 -20.11 -0.19
CA ALA A 300 16.10 -19.62 0.94
C ALA A 300 16.35 -20.48 2.16
N LEU A 301 16.27 -21.78 2.03
CA LEU A 301 16.44 -22.65 3.22
C LEU A 301 17.89 -22.54 3.75
N ALA A 302 18.89 -22.40 2.90
CA ALA A 302 20.28 -22.29 3.44
C ALA A 302 20.31 -21.04 4.31
N TYR A 303 19.75 -19.94 3.93
CA TYR A 303 19.72 -18.73 4.78
C TYR A 303 18.91 -19.00 6.04
N LEU A 304 17.64 -19.44 5.89
CA LEU A 304 16.76 -19.53 7.06
C LEU A 304 17.26 -20.54 8.10
N GLU A 305 17.86 -21.62 7.71
CA GLU A 305 18.38 -22.60 8.68
C GLU A 305 19.49 -22.00 9.54
N ASN A 306 20.27 -21.12 8.95
N ASN A 306 20.31 -21.16 8.94
CA ASN A 306 21.51 -20.62 9.59
CA ASN A 306 21.54 -20.59 9.58
C ASN A 306 21.26 -19.23 10.18
C ASN A 306 21.23 -19.28 10.29
N GLU A 307 20.06 -18.66 10.12
CA GLU A 307 19.76 -17.32 10.70
C GLU A 307 19.12 -17.53 12.04
N PRO A 308 19.85 -17.17 13.14
CA PRO A 308 19.31 -17.48 14.46
C PRO A 308 18.00 -16.72 14.80
N ARG A 309 17.76 -15.57 14.21
CA ARG A 309 16.51 -14.78 14.52
C ARG A 309 15.27 -15.47 13.87
N ILE A 310 15.47 -16.47 12.98
CA ILE A 310 14.28 -17.20 12.41
C ILE A 310 14.09 -18.41 13.32
N ALA A 311 13.05 -18.45 14.12
CA ALA A 311 12.78 -19.63 14.97
C ALA A 311 12.13 -20.78 14.17
N LYS A 312 11.24 -20.41 13.22
CA LYS A 312 10.42 -21.38 12.43
CA LYS A 312 10.39 -21.36 12.45
C LYS A 312 10.15 -20.75 11.08
N TYR A 313 9.97 -21.62 10.10
CA TYR A 313 9.54 -21.21 8.77
C TYR A 313 8.59 -22.31 8.22
N ALA A 314 7.67 -21.82 7.34
CA ALA A 314 6.65 -22.71 6.70
C ALA A 314 6.48 -22.30 5.22
N TRP A 315 6.81 -23.26 4.35
CA TRP A 315 6.62 -23.12 2.91
C TRP A 315 5.11 -23.07 2.57
N PHE A 316 4.80 -22.26 1.58
CA PHE A 316 3.45 -22.22 1.00
C PHE A 316 3.61 -22.86 -0.38
N SER A 317 3.01 -24.10 -0.63
CA SER A 317 2.16 -24.87 0.26
C SER A 317 2.23 -26.37 -0.13
N GLY A 318 1.42 -27.21 0.49
CA GLY A 318 1.41 -28.63 0.10
C GLY A 318 0.88 -28.79 -1.36
N ARG A 319 -0.26 -28.14 -1.61
CA ARG A 319 -0.86 -28.11 -2.96
C ARG A 319 -1.42 -26.69 -3.09
N ALA A 320 -0.92 -25.97 -4.05
CA ALA A 320 -1.26 -24.56 -4.28
C ALA A 320 -1.72 -24.42 -5.73
N ASP A 321 -2.84 -23.77 -5.96
CA ASP A 321 -3.32 -23.50 -7.33
C ASP A 321 -2.78 -22.20 -7.92
N ASN A 322 -2.45 -21.17 -7.09
CA ASN A 322 -2.27 -19.80 -7.61
C ASN A 322 -0.89 -19.21 -7.36
N VAL A 323 0.05 -19.99 -6.88
CA VAL A 323 1.47 -19.58 -6.88
C VAL A 323 2.15 -20.63 -7.76
N ARG A 324 2.68 -20.20 -8.89
CA ARG A 324 3.12 -21.17 -9.90
C ARG A 324 4.29 -21.97 -9.38
N HIS A 325 4.28 -23.25 -9.51
CA HIS A 325 5.31 -24.22 -9.14
C HIS A 325 5.58 -24.28 -7.63
N ALA A 326 4.68 -23.80 -6.80
CA ALA A 326 4.92 -23.78 -5.33
C ALA A 326 4.43 -25.05 -4.63
N SER A 327 3.72 -25.99 -5.31
CA SER A 327 3.26 -27.18 -4.59
C SER A 327 4.41 -28.13 -4.30
N LEU A 328 4.34 -28.78 -3.14
CA LEU A 328 5.30 -29.82 -2.72
C LEU A 328 4.81 -31.25 -3.03
N LEU A 329 3.48 -31.37 -3.14
CA LEU A 329 2.82 -32.70 -3.26
C LEU A 329 2.13 -32.84 -4.63
N GLY A 330 2.18 -34.05 -5.16
CA GLY A 330 1.38 -34.44 -6.33
C GLY A 330 0.19 -35.31 -5.93
N ASP A 331 0.23 -36.56 -6.38
CA ASP A 331 -0.77 -37.58 -5.98
C ASP A 331 -0.72 -37.82 -4.49
N ASP A 332 -1.72 -38.45 -3.93
CA ASP A 332 -1.76 -38.80 -2.50
C ASP A 332 -0.44 -39.43 -2.05
N GLY A 333 0.20 -38.88 -1.03
CA GLY A 333 1.44 -39.51 -0.52
C GLY A 333 2.65 -39.45 -1.42
N GLU A 334 2.68 -38.55 -2.37
CA GLU A 334 3.80 -38.42 -3.33
C GLU A 334 4.37 -37.00 -3.30
N LEU A 335 5.61 -36.86 -2.89
CA LEU A 335 6.36 -35.62 -3.10
C LEU A 335 6.58 -35.42 -4.57
N ASN A 336 6.48 -34.21 -5.04
CA ASN A 336 7.02 -33.86 -6.36
C ASN A 336 8.50 -33.47 -6.18
N GLU A 337 9.15 -33.09 -7.30
CA GLU A 337 10.59 -32.71 -7.25
C GLU A 337 10.81 -31.60 -6.23
N LEU A 338 9.93 -30.62 -6.16
CA LEU A 338 10.11 -29.50 -5.20
C LEU A 338 9.97 -30.01 -3.77
N GLY A 339 8.98 -30.86 -3.50
CA GLY A 339 8.82 -31.50 -2.19
C GLY A 339 10.06 -32.27 -1.77
N GLN A 340 10.64 -33.02 -2.70
CA GLN A 340 11.86 -33.78 -2.41
C GLN A 340 12.99 -32.80 -2.01
N ALA A 341 13.14 -31.70 -2.75
CA ALA A 341 14.17 -30.67 -2.35
C ALA A 341 13.87 -30.13 -0.99
N TYR A 342 12.62 -29.88 -0.66
CA TYR A 342 12.27 -29.29 0.68
C TYR A 342 12.56 -30.27 1.80
N VAL A 343 12.28 -31.54 1.60
CA VAL A 343 12.47 -32.56 2.65
C VAL A 343 13.96 -32.87 2.78
N SER A 344 14.69 -32.87 1.66
N SER A 344 14.74 -32.90 1.70
CA SER A 344 16.12 -33.34 1.65
CA SER A 344 16.15 -33.36 1.76
C SER A 344 17.08 -32.22 2.06
C SER A 344 17.14 -32.21 1.97
N ALA A 345 16.68 -30.96 2.02
CA ALA A 345 17.58 -29.83 2.31
C ALA A 345 18.24 -29.98 3.68
N PRO A 346 19.54 -29.62 3.81
CA PRO A 346 20.22 -29.65 5.15
C PRO A 346 19.44 -28.88 6.23
N GLN A 347 19.50 -29.36 7.47
CA GLN A 347 18.92 -28.69 8.65
C GLN A 347 19.98 -28.30 9.67
N HIS A 348 19.80 -27.13 10.29
CA HIS A 348 20.65 -26.67 11.44
C HIS A 348 20.25 -27.51 12.68
N ALA A 349 21.22 -27.93 13.50
CA ALA A 349 20.97 -28.51 14.84
C ALA A 349 19.60 -29.20 14.96
N CYS A 350 19.44 -30.37 14.30
CA CYS A 350 18.14 -31.09 14.10
C CYS A 350 18.23 -32.02 12.87
N CYS B 94 0.57 30.81 -19.55
CA CYS B 94 -0.38 29.81 -19.90
C CYS B 94 -0.50 28.63 -18.92
N LYS B 95 0.62 28.11 -18.46
CA LYS B 95 0.60 26.87 -17.64
C LYS B 95 0.44 27.10 -16.14
N ARG B 96 0.87 28.25 -15.66
CA ARG B 96 1.17 28.46 -14.21
C ARG B 96 -0.13 28.67 -13.38
N GLY B 97 -0.43 27.78 -12.46
CA GLY B 97 -1.63 27.83 -11.59
C GLY B 97 -1.25 27.74 -10.10
N LEU B 98 -2.29 27.74 -9.24
CA LEU B 98 -2.16 27.56 -7.80
C LEU B 98 -3.30 26.68 -7.25
N ALA B 99 -2.95 25.78 -6.35
CA ALA B 99 -3.88 24.91 -5.60
C ALA B 99 -4.14 25.61 -4.25
N TYR B 100 -5.19 26.39 -4.09
CA TYR B 100 -5.44 27.18 -2.88
C TYR B 100 -6.90 27.61 -2.86
N GLY B 101 -7.54 27.60 -1.70
CA GLY B 101 -8.97 27.93 -1.57
C GLY B 101 -9.33 29.13 -0.71
N TYR B 102 -8.35 29.94 -0.23
CA TYR B 102 -8.62 31.02 0.74
C TYR B 102 -7.98 32.33 0.25
N HIS B 103 -8.04 32.60 -1.03
CA HIS B 103 -7.54 33.87 -1.60
C HIS B 103 -8.39 35.02 -1.08
N SER B 104 -7.74 36.11 -0.68
CA SER B 104 -8.36 37.45 -0.68
C SER B 104 -8.12 38.15 -2.01
N LYS B 105 -8.88 39.21 -2.24
CA LYS B 105 -8.60 40.07 -3.41
C LYS B 105 -7.11 40.45 -3.41
N ALA B 106 -6.56 40.88 -2.27
CA ALA B 106 -5.18 41.39 -2.20
C ALA B 106 -4.20 40.25 -2.53
N ASP B 107 -4.49 39.03 -2.07
CA ASP B 107 -3.68 37.84 -2.43
C ASP B 107 -3.61 37.65 -3.93
N MET B 108 -4.75 37.65 -4.58
CA MET B 108 -4.78 37.40 -6.03
C MET B 108 -4.17 38.56 -6.82
N ASP B 109 -4.27 39.77 -6.31
CA ASP B 109 -3.66 40.95 -6.94
C ASP B 109 -2.13 40.74 -7.05
N VAL B 110 -1.45 40.24 -5.99
CA VAL B 110 0.03 40.08 -6.04
C VAL B 110 0.42 38.82 -6.82
N LEU B 111 -0.46 37.85 -6.93
CA LEU B 111 -0.16 36.65 -7.75
C LEU B 111 -0.40 36.83 -9.25
N SER B 112 -1.13 37.86 -9.65
CA SER B 112 -1.29 38.15 -11.10
C SER B 112 -0.41 39.35 -11.49
N PRO B 113 0.13 39.40 -12.72
CA PRO B 113 -0.34 38.53 -13.80
C PRO B 113 0.41 37.19 -13.96
N ALA B 114 1.24 36.77 -13.02
CA ALA B 114 2.06 35.55 -13.26
C ALA B 114 1.21 34.28 -13.27
N VAL B 115 0.20 34.22 -12.43
CA VAL B 115 -0.62 33.01 -12.19
C VAL B 115 -1.88 33.13 -13.08
N SER B 116 -2.08 32.22 -14.01
N SER B 116 -1.95 32.24 -14.07
CA SER B 116 -3.17 32.36 -15.00
CA SER B 116 -3.00 32.17 -15.12
C SER B 116 -4.38 31.48 -14.66
C SER B 116 -4.32 31.57 -14.58
N TRP B 117 -4.28 30.57 -13.69
CA TRP B 117 -5.46 29.76 -13.30
C TRP B 117 -5.32 29.27 -11.85
N TRP B 118 -6.40 28.90 -11.21
CA TRP B 118 -6.33 28.22 -9.90
C TRP B 118 -7.49 27.25 -9.73
N TYR B 119 -7.37 26.38 -8.74
CA TYR B 119 -8.49 25.53 -8.32
C TYR B 119 -8.41 25.42 -6.80
N ASN B 120 -9.51 24.96 -6.20
CA ASN B 120 -9.71 24.95 -4.74
C ASN B 120 -10.33 23.66 -4.18
N TRP B 121 -10.28 22.58 -4.95
CA TRP B 121 -10.78 21.26 -4.53
C TRP B 121 -12.32 21.21 -4.43
N THR B 122 -13.01 22.27 -4.85
CA THR B 122 -14.49 22.26 -4.93
C THR B 122 -14.87 22.88 -6.27
N HIS B 123 -16.14 23.28 -6.46
CA HIS B 123 -16.66 23.70 -7.79
C HIS B 123 -17.15 25.17 -7.81
N VAL B 124 -17.08 25.88 -6.70
CA VAL B 124 -17.34 27.34 -6.60
C VAL B 124 -16.08 28.05 -6.17
N PRO B 125 -15.73 29.18 -6.84
CA PRO B 125 -14.52 29.93 -6.49
C PRO B 125 -14.57 30.50 -5.07
N ASP B 126 -13.39 30.68 -4.54
CA ASP B 126 -13.13 31.26 -3.20
C ASP B 126 -14.07 32.46 -2.95
N GLU B 127 -14.65 32.52 -1.76
CA GLU B 127 -15.59 33.60 -1.37
C GLU B 127 -14.97 34.96 -1.63
N GLY B 128 -13.72 35.12 -1.28
CA GLY B 128 -13.10 36.45 -1.25
C GLY B 128 -12.95 37.09 -2.60
N VAL B 129 -12.98 36.31 -3.69
CA VAL B 129 -12.71 36.88 -5.05
C VAL B 129 -13.93 36.72 -5.95
N ARG B 130 -15.07 36.25 -5.46
CA ARG B 130 -16.22 35.98 -6.36
C ARG B 130 -17.26 37.07 -6.11
N PRO B 131 -18.20 37.29 -7.04
CA PRO B 131 -18.27 36.56 -8.32
C PRO B 131 -17.42 37.15 -9.43
N ASP B 132 -16.88 38.37 -9.27
CA ASP B 132 -16.40 39.14 -10.45
C ASP B 132 -14.89 39.38 -10.38
N TYR B 133 -14.32 39.51 -9.19
CA TYR B 133 -12.94 40.06 -9.05
C TYR B 133 -11.88 39.23 -9.80
N TYR B 134 -11.94 37.92 -9.68
CA TYR B 134 -10.94 37.07 -10.36
C TYR B 134 -11.04 37.25 -11.87
N ARG B 135 -12.24 37.51 -12.37
CA ARG B 135 -12.38 37.72 -13.83
C ARG B 135 -11.71 39.02 -14.27
N THR B 136 -11.78 40.11 -13.47
CA THR B 136 -11.14 41.40 -13.84
C THR B 136 -9.63 41.15 -13.93
N LEU B 137 -9.03 40.23 -13.14
CA LEU B 137 -7.56 39.96 -13.12
C LEU B 137 -7.20 39.01 -14.27
N GLY B 138 -8.19 38.43 -14.92
CA GLY B 138 -7.95 37.47 -16.03
C GLY B 138 -7.51 36.09 -15.55
N VAL B 139 -7.81 35.73 -14.32
CA VAL B 139 -7.38 34.43 -13.73
C VAL B 139 -8.50 33.42 -13.99
N ASP B 140 -8.19 32.27 -14.58
CA ASP B 140 -9.23 31.24 -14.87
C ASP B 140 -9.47 30.38 -13.63
N TYR B 141 -10.71 30.22 -13.23
CA TYR B 141 -11.15 29.29 -12.19
C TYR B 141 -11.38 27.94 -12.80
N VAL B 142 -10.86 26.89 -12.20
CA VAL B 142 -11.07 25.51 -12.67
C VAL B 142 -11.81 24.75 -11.56
N PRO B 143 -13.07 24.32 -11.81
CA PRO B 143 -13.80 23.52 -10.81
C PRO B 143 -13.37 22.03 -10.77
N MET B 144 -13.70 21.36 -9.67
CA MET B 144 -13.37 19.95 -9.37
C MET B 144 -14.59 19.24 -8.80
N VAL B 145 -14.78 17.99 -9.20
CA VAL B 145 -15.69 17.01 -8.53
C VAL B 145 -14.76 16.19 -7.60
N TRP B 146 -14.68 16.50 -6.30
CA TRP B 146 -13.65 15.93 -5.41
C TRP B 146 -13.80 14.40 -5.23
N GLY B 147 -15.02 13.92 -4.98
CA GLY B 147 -15.25 12.50 -4.67
C GLY B 147 -16.62 12.06 -5.07
N GLY B 148 -16.97 10.86 -4.64
CA GLY B 148 -18.20 10.17 -5.01
C GLY B 148 -19.37 10.34 -4.05
N GLY B 149 -19.16 10.99 -2.89
CA GLY B 149 -20.17 11.17 -1.84
C GLY B 149 -21.45 11.75 -2.43
N ASN B 150 -22.56 11.03 -2.35
CA ASN B 150 -23.90 11.40 -2.91
C ASN B 150 -23.85 11.87 -4.37
N LEU B 151 -22.98 11.31 -5.20
CA LEU B 151 -22.84 11.70 -6.61
C LEU B 151 -23.74 10.82 -7.45
N ASP B 152 -24.75 11.40 -8.09
CA ASP B 152 -25.79 10.76 -8.94
C ASP B 152 -26.14 11.79 -10.01
N SER B 153 -27.13 11.51 -10.85
CA SER B 153 -27.65 12.43 -11.90
C SER B 153 -28.05 13.78 -11.30
N ALA B 154 -28.81 13.78 -10.19
CA ALA B 154 -29.34 15.02 -9.57
C ALA B 154 -28.17 15.92 -9.16
N ALA B 155 -27.18 15.32 -8.49
CA ALA B 155 -25.95 16.03 -8.04
C ALA B 155 -25.21 16.61 -9.27
N ALA B 156 -25.06 15.88 -10.37
CA ALA B 156 -24.42 16.42 -11.59
C ALA B 156 -25.16 17.69 -12.07
N GLY B 157 -26.51 17.73 -12.08
CA GLY B 157 -27.22 18.91 -12.60
C GLY B 157 -27.01 20.11 -11.67
N ARG B 158 -27.00 19.88 -10.36
CA ARG B 158 -26.68 20.93 -9.33
C ARG B 158 -25.26 21.46 -9.49
N ILE B 159 -24.29 20.58 -9.62
CA ILE B 159 -22.88 21.02 -9.82
C ILE B 159 -22.74 21.84 -11.10
N ALA B 160 -23.24 21.35 -12.24
CA ALA B 160 -23.21 22.09 -13.51
C ALA B 160 -23.79 23.52 -13.36
N SER B 161 -24.90 23.68 -12.63
CA SER B 161 -25.57 25.01 -12.49
C SER B 161 -24.82 25.92 -11.50
N GLU B 162 -24.03 25.37 -10.58
CA GLU B 162 -23.29 26.10 -9.52
C GLU B 162 -21.91 26.55 -10.04
N ILE B 163 -21.26 25.83 -10.94
CA ILE B 163 -19.98 26.24 -11.57
C ILE B 163 -20.15 27.62 -12.23
N PRO B 164 -19.20 28.56 -12.01
CA PRO B 164 -19.35 29.88 -12.61
C PRO B 164 -19.33 29.89 -14.15
N GLU B 165 -20.04 30.87 -14.72
CA GLU B 165 -19.90 31.16 -16.17
C GLU B 165 -18.41 31.33 -16.51
N GLY B 166 -18.00 30.78 -17.64
CA GLY B 166 -16.67 30.91 -18.25
C GLY B 166 -15.74 29.76 -17.91
N ALA B 167 -16.20 28.80 -17.11
CA ALA B 167 -15.37 27.60 -16.85
C ALA B 167 -15.05 26.88 -18.19
N ARG B 168 -13.85 26.31 -18.30
CA ARG B 168 -13.33 25.65 -19.51
C ARG B 168 -12.96 24.18 -19.22
N PHE B 169 -12.58 23.85 -17.98
CA PHE B 169 -12.06 22.53 -17.59
C PHE B 169 -12.80 22.02 -16.37
N LEU B 170 -12.74 20.69 -16.17
CA LEU B 170 -13.31 20.06 -14.94
C LEU B 170 -12.30 19.02 -14.47
N LEU B 171 -11.91 19.11 -13.20
CA LEU B 171 -11.01 18.13 -12.56
C LEU B 171 -11.83 16.99 -11.91
N GLY B 172 -11.43 15.76 -12.22
CA GLY B 172 -11.93 14.56 -11.58
C GLY B 172 -11.44 14.35 -10.17
N PHE B 173 -11.75 13.21 -9.56
CA PHE B 173 -11.65 12.96 -8.12
C PHE B 173 -10.23 13.14 -7.58
N ASN B 174 -10.16 13.66 -6.38
CA ASN B 174 -8.87 13.96 -5.73
C ASN B 174 -8.30 12.71 -5.05
N GLU B 175 -7.21 12.18 -5.60
CA GLU B 175 -6.48 11.06 -4.99
C GLU B 175 -7.43 9.94 -4.56
N PRO B 176 -8.16 9.38 -5.52
CA PRO B 176 -9.07 8.30 -5.17
C PRO B 176 -8.35 7.05 -4.62
N ASN B 177 -7.07 6.86 -4.95
CA ASN B 177 -6.34 5.67 -4.46
C ASN B 177 -5.93 5.85 -3.01
N PHE B 178 -6.14 7.01 -2.42
CA PHE B 178 -5.80 7.26 -1.00
C PHE B 178 -7.05 7.13 -0.12
N GLY B 179 -6.95 6.29 0.90
CA GLY B 179 -8.08 6.05 1.82
C GLY B 179 -8.56 7.28 2.56
N ALA B 180 -7.71 8.27 2.81
CA ALA B 180 -8.11 9.52 3.48
C ALA B 180 -8.57 10.60 2.48
N GLN B 181 -8.54 10.35 1.18
CA GLN B 181 -9.01 11.31 0.17
C GLN B 181 -10.26 10.71 -0.46
N ALA B 182 -10.41 10.75 -1.79
CA ALA B 182 -11.69 10.35 -2.36
C ALA B 182 -11.97 8.85 -2.10
N ASP B 183 -10.96 8.03 -1.85
CA ASP B 183 -11.15 6.63 -1.39
C ASP B 183 -12.16 5.84 -2.26
N LEU B 184 -11.76 5.68 -3.51
CA LEU B 184 -12.54 4.92 -4.53
C LEU B 184 -11.61 3.93 -5.23
N SER B 185 -11.97 2.65 -5.32
CA SER B 185 -11.24 1.71 -6.20
C SER B 185 -11.27 2.26 -7.63
N ALA B 186 -10.40 1.77 -8.50
CA ALA B 186 -10.44 2.18 -9.92
C ALA B 186 -11.82 1.85 -10.50
N ALA B 187 -12.33 0.67 -10.20
CA ALA B 187 -13.66 0.28 -10.68
C ALA B 187 -14.79 1.19 -10.15
N GLU B 188 -14.72 1.60 -8.87
CA GLU B 188 -15.74 2.49 -8.28
C GLU B 188 -15.66 3.87 -8.95
N ALA B 189 -14.46 4.39 -9.19
CA ALA B 189 -14.24 5.71 -9.79
C ALA B 189 -14.81 5.66 -11.24
N ALA B 190 -14.55 4.58 -11.99
CA ALA B 190 -15.04 4.48 -13.40
C ALA B 190 -16.57 4.43 -13.38
N ALA B 191 -17.17 3.76 -12.37
CA ALA B 191 -18.64 3.55 -12.37
C ALA B 191 -19.32 4.91 -12.14
N LEU B 192 -18.65 5.85 -11.48
CA LEU B 192 -19.16 7.21 -11.15
C LEU B 192 -18.80 8.20 -12.26
N TRP B 193 -17.85 7.88 -13.13
CA TRP B 193 -17.37 8.83 -14.14
C TRP B 193 -18.50 9.39 -15.01
N PRO B 194 -19.54 8.62 -15.37
CA PRO B 194 -20.62 9.19 -16.21
C PRO B 194 -21.25 10.45 -15.60
N HIS B 195 -21.29 10.57 -14.27
CA HIS B 195 -21.85 11.79 -13.62
C HIS B 195 -20.89 12.97 -13.79
N VAL B 196 -19.58 12.70 -13.73
CA VAL B 196 -18.57 13.78 -13.96
C VAL B 196 -18.71 14.22 -15.45
N GLU B 197 -18.83 13.24 -16.35
CA GLU B 197 -18.90 13.54 -17.79
C GLU B 197 -20.22 14.31 -18.08
N ALA B 198 -21.27 14.08 -17.30
CA ALA B 198 -22.58 14.79 -17.47
C ALA B 198 -22.43 16.26 -17.06
N VAL B 199 -21.65 16.54 -16.02
CA VAL B 199 -21.35 17.95 -15.68
C VAL B 199 -20.62 18.60 -16.85
N ALA B 200 -19.55 17.96 -17.29
CA ALA B 200 -18.68 18.52 -18.36
C ALA B 200 -19.49 18.80 -19.63
N ASP B 201 -20.32 17.83 -20.06
CA ASP B 201 -21.11 17.95 -21.30
C ASP B 201 -22.16 19.05 -21.18
N ALA B 202 -22.72 19.31 -20.00
CA ALA B 202 -23.67 20.44 -19.76
C ALA B 202 -22.96 21.81 -19.91
N ARG B 203 -21.64 21.85 -19.76
CA ARG B 203 -20.87 23.14 -19.56
C ARG B 203 -19.73 23.31 -20.56
N GLY B 204 -19.56 22.40 -21.50
CA GLY B 204 -18.50 22.56 -22.51
C GLY B 204 -17.12 22.38 -21.93
N LEU B 205 -16.93 21.49 -20.96
CA LEU B 205 -15.69 21.43 -20.18
C LEU B 205 -14.83 20.26 -20.68
N ALA B 206 -13.56 20.49 -20.89
CA ALA B 206 -12.56 19.42 -21.11
C ALA B 206 -12.23 18.79 -19.74
N LEU B 207 -12.04 17.47 -19.74
CA LEU B 207 -11.96 16.65 -18.52
C LEU B 207 -10.56 16.20 -18.19
N VAL B 208 -10.20 16.42 -16.92
CA VAL B 208 -8.92 15.90 -16.38
C VAL B 208 -9.27 14.68 -15.53
N SER B 209 -8.50 13.62 -15.68
CA SER B 209 -8.67 12.36 -14.91
C SER B 209 -8.68 12.63 -13.39
N PRO B 210 -9.17 11.65 -12.60
CA PRO B 210 -8.84 11.65 -11.19
C PRO B 210 -7.32 11.76 -11.02
N ALA B 211 -6.95 12.55 -10.03
CA ALA B 211 -5.55 12.91 -9.78
C ALA B 211 -4.87 11.89 -8.87
N VAL B 212 -3.76 11.29 -9.34
CA VAL B 212 -3.13 10.18 -8.59
C VAL B 212 -1.71 10.55 -8.12
N ASN B 213 -1.23 9.76 -7.18
CA ASN B 213 0.17 9.80 -6.67
C ASN B 213 0.44 8.45 -6.02
N PHE B 214 1.72 8.19 -5.77
CA PHE B 214 2.14 7.06 -4.92
C PHE B 214 1.41 7.16 -3.59
N CYS B 215 0.89 6.04 -3.07
CA CYS B 215 0.13 5.95 -1.79
C CYS B 215 0.82 5.00 -0.81
N GLY B 216 0.93 5.43 0.44
CA GLY B 216 1.31 4.54 1.56
C GLY B 216 0.35 4.73 2.72
N GLY B 217 0.15 3.71 3.54
CA GLY B 217 -0.80 3.78 4.66
C GLY B 217 -2.10 3.11 4.31
N ASP B 218 -3.18 3.85 4.44
CA ASP B 218 -4.51 3.34 4.08
C ASP B 218 -4.68 3.63 2.61
N CYS B 219 -4.65 2.59 1.76
CA CYS B 219 -4.56 2.77 0.29
C CYS B 219 -5.44 1.77 -0.45
N GLN B 220 -6.15 2.27 -1.47
CA GLN B 220 -6.81 1.42 -2.47
C GLN B 220 -5.74 0.76 -3.35
N GLU B 221 -4.68 1.50 -3.67
CA GLU B 221 -3.68 1.09 -4.67
C GLU B 221 -2.45 1.98 -4.46
N THR B 222 -1.30 1.32 -4.32
CA THR B 222 -0.04 2.04 -4.08
C THR B 222 0.57 2.65 -5.36
N ASP B 223 0.42 1.97 -6.46
CA ASP B 223 1.06 2.30 -7.76
C ASP B 223 0.11 3.18 -8.59
N PRO B 224 0.43 4.46 -8.84
CA PRO B 224 -0.48 5.38 -9.49
C PRO B 224 -0.64 5.01 -10.96
N PHE B 225 0.38 4.49 -11.59
CA PHE B 225 0.34 4.14 -13.03
C PHE B 225 -0.57 2.95 -13.22
N LYS B 226 -0.51 1.97 -12.31
CA LYS B 226 -1.45 0.82 -12.30
C LYS B 226 -2.86 1.33 -12.05
N TYR B 227 -3.06 2.23 -11.09
CA TYR B 227 -4.42 2.73 -10.78
C TYR B 227 -4.97 3.30 -12.08
N LEU B 228 -4.27 4.17 -12.75
CA LEU B 228 -4.78 4.82 -13.98
C LEU B 228 -5.09 3.74 -15.03
N ASP B 229 -4.23 2.77 -15.27
CA ASP B 229 -4.53 1.69 -16.26
C ASP B 229 -5.79 0.96 -15.82
N ASP B 230 -6.02 0.65 -14.55
CA ASP B 230 -7.22 -0.08 -14.09
C ASP B 230 -8.45 0.82 -14.30
N PHE B 231 -8.31 2.12 -14.02
CA PHE B 231 -9.40 3.10 -14.22
C PHE B 231 -9.81 3.15 -15.69
N PHE B 232 -8.87 3.32 -16.59
CA PHE B 232 -9.15 3.40 -18.05
C PHE B 232 -9.72 2.07 -18.54
N ALA B 233 -9.29 0.93 -18.03
CA ALA B 233 -9.84 -0.38 -18.51
C ALA B 233 -11.29 -0.53 -18.05
N ALA B 234 -11.69 -0.01 -16.90
CA ALA B 234 -13.07 -0.09 -16.35
C ALA B 234 -14.00 1.01 -16.93
N CYS B 235 -13.46 2.07 -17.49
CA CYS B 235 -14.15 3.32 -17.91
C CYS B 235 -14.40 3.17 -19.41
N SER B 236 -15.29 2.23 -19.76
CA SER B 236 -15.67 1.86 -21.17
C SER B 236 -16.31 3.08 -21.86
N GLY B 237 -15.64 3.61 -22.89
CA GLY B 237 -16.13 4.72 -23.74
C GLY B 237 -16.09 6.05 -23.05
N CYS B 238 -15.41 6.12 -21.91
CA CYS B 238 -15.31 7.38 -21.10
C CYS B 238 -14.51 8.46 -21.87
N ARG B 239 -14.90 9.72 -21.75
CA ARG B 239 -14.09 10.88 -22.19
C ARG B 239 -13.16 11.29 -21.05
N VAL B 240 -11.87 11.29 -21.34
CA VAL B 240 -10.82 11.78 -20.41
C VAL B 240 -9.85 12.50 -21.34
N ASP B 241 -9.77 13.81 -21.27
CA ASP B 241 -8.92 14.60 -22.19
C ASP B 241 -7.47 14.67 -21.65
N TYR B 242 -7.26 14.77 -20.34
CA TYR B 242 -5.94 14.93 -19.70
C TYR B 242 -5.87 13.99 -18.52
N ILE B 243 -4.58 13.77 -18.09
CA ILE B 243 -4.27 12.99 -16.88
C ILE B 243 -3.80 13.93 -15.78
N GLY B 244 -4.46 13.81 -14.62
CA GLY B 244 -4.08 14.58 -13.43
C GLY B 244 -3.11 13.80 -12.53
N ILE B 245 -2.04 14.48 -12.10
CA ILE B 245 -0.97 13.92 -11.24
C ILE B 245 -0.63 14.90 -10.10
N HIS B 246 -0.22 14.26 -8.99
CA HIS B 246 0.41 14.97 -7.85
C HIS B 246 1.81 14.41 -7.71
N ILE B 247 2.78 15.30 -7.40
CA ILE B 247 4.20 14.87 -7.12
C ILE B 247 4.74 15.65 -5.92
N TYR B 248 5.19 14.87 -4.91
CA TYR B 248 5.91 15.43 -3.76
C TYR B 248 7.17 14.60 -3.58
N THR B 249 8.31 15.24 -3.64
CA THR B 249 9.62 14.58 -3.55
C THR B 249 10.49 15.37 -2.55
N GLY B 250 11.67 14.82 -2.21
CA GLY B 250 12.66 15.58 -1.48
C GLY B 250 13.15 16.76 -2.30
N CYS B 251 13.83 17.67 -1.57
CA CYS B 251 14.23 18.99 -2.13
C CYS B 251 15.62 19.01 -2.76
N LYS B 252 16.46 17.99 -2.58
CA LYS B 252 17.86 18.11 -3.08
C LYS B 252 18.06 17.64 -4.51
N GLY B 253 17.23 16.74 -5.02
CA GLY B 253 17.42 16.26 -6.39
C GLY B 253 18.82 15.71 -6.65
N GLU B 254 19.36 15.95 -7.83
CA GLU B 254 20.60 15.32 -8.32
C GLU B 254 21.46 16.38 -8.97
N GLY B 255 22.71 16.53 -8.45
CA GLY B 255 23.58 17.52 -9.07
C GLY B 255 23.05 18.92 -8.82
N ASP B 256 23.08 19.78 -9.79
N ASP B 256 23.09 19.75 -9.86
CA ASP B 256 22.55 21.14 -9.49
CA ASP B 256 22.57 21.17 -9.89
C ASP B 256 21.08 21.28 -9.95
C ASP B 256 21.03 21.24 -9.87
N ASN B 257 20.37 20.16 -10.26
CA ASN B 257 18.91 20.20 -10.53
C ASN B 257 18.18 19.70 -9.28
N GLN B 258 17.69 20.63 -8.46
CA GLN B 258 17.02 20.27 -7.21
C GLN B 258 15.66 19.61 -7.48
N ALA B 259 15.08 19.77 -8.66
CA ALA B 259 13.81 19.17 -9.05
C ALA B 259 14.04 17.82 -9.70
N GLN B 260 15.20 17.22 -9.76
CA GLN B 260 15.40 16.01 -10.56
C GLN B 260 14.44 14.92 -10.13
N TRP B 261 14.07 14.71 -8.90
CA TRP B 261 13.24 13.53 -8.52
C TRP B 261 11.82 13.79 -9.04
N LEU B 262 11.35 15.00 -9.10
CA LEU B 262 10.04 15.33 -9.70
C LEU B 262 10.18 15.12 -11.18
N ILE B 263 11.20 15.51 -11.85
CA ILE B 263 11.39 15.30 -13.30
C ILE B 263 11.36 13.82 -13.59
N ASN B 264 12.02 13.00 -12.83
CA ASN B 264 12.07 11.57 -13.02
C ASN B 264 10.63 11.04 -13.03
N HIS B 265 9.77 11.46 -12.09
CA HIS B 265 8.37 10.96 -12.05
C HIS B 265 7.58 11.50 -13.25
N VAL B 266 7.70 12.76 -13.65
CA VAL B 266 7.02 13.25 -14.87
C VAL B 266 7.44 12.41 -16.04
N GLU B 267 8.68 12.05 -16.16
CA GLU B 267 9.22 11.26 -17.28
C GLU B 267 8.63 9.83 -17.23
N THR B 268 8.35 9.27 -16.08
CA THR B 268 7.66 7.97 -16.00
C THR B 268 6.22 8.14 -16.49
N TYR B 269 5.50 9.18 -16.11
CA TYR B 269 4.12 9.35 -16.65
C TYR B 269 4.21 9.54 -18.16
N LYS B 270 5.14 10.25 -18.75
CA LYS B 270 5.33 10.49 -20.15
C LYS B 270 5.57 9.17 -20.85
N SER B 271 6.24 8.23 -20.23
CA SER B 271 6.59 6.93 -20.77
C SER B 271 5.33 6.05 -20.75
N ARG B 272 4.57 6.08 -19.67
CA ARG B 272 3.47 5.12 -19.40
C ARG B 272 2.15 5.54 -20.02
N PHE B 273 1.96 6.79 -20.38
CA PHE B 273 0.70 7.36 -20.89
C PHE B 273 1.00 8.25 -22.09
N ASP B 274 -0.04 8.49 -22.92
CA ASP B 274 0.14 9.38 -24.09
C ASP B 274 -0.53 10.73 -23.92
N LYS B 275 -1.52 10.84 -23.03
CA LYS B 275 -2.35 12.04 -22.91
C LYS B 275 -1.54 13.20 -22.32
N PRO B 276 -1.93 14.47 -22.57
CA PRO B 276 -1.36 15.62 -21.85
C PRO B 276 -1.64 15.49 -20.37
N LEU B 277 -0.69 16.06 -19.63
CA LEU B 277 -0.60 15.99 -18.15
C LEU B 277 -0.95 17.35 -17.52
N TRP B 278 -1.73 17.28 -16.41
CA TRP B 278 -1.90 18.41 -15.51
C TRP B 278 -1.30 18.01 -14.17
N LEU B 279 -0.22 18.70 -13.72
CA LEU B 279 0.42 18.47 -12.41
C LEU B 279 -0.29 19.39 -11.42
N THR B 280 -1.33 18.90 -10.80
CA THR B 280 -2.24 19.77 -10.02
C THR B 280 -1.86 19.98 -8.53
N GLU B 281 -0.87 19.25 -8.06
CA GLU B 281 -0.21 19.58 -6.77
C GLU B 281 1.24 19.15 -6.90
N PHE B 282 2.16 20.04 -6.44
CA PHE B 282 3.58 19.71 -6.24
C PHE B 282 4.22 20.72 -5.30
N ALA B 283 5.27 20.19 -4.67
CA ALA B 283 6.17 20.92 -3.74
C ALA B 283 7.19 19.89 -3.35
N CYS B 284 8.27 20.33 -2.67
CA CYS B 284 9.18 19.36 -2.06
C CYS B 284 8.85 19.19 -0.58
N ASP B 285 9.18 18.01 -0.02
CA ASP B 285 8.68 17.64 1.34
C ASP B 285 9.78 17.66 2.41
N SER B 286 11.00 18.03 2.10
CA SER B 286 12.16 17.93 3.05
C SER B 286 12.70 19.28 3.46
N ALA B 287 12.02 20.37 3.18
CA ALA B 287 12.65 21.71 3.30
C ALA B 287 12.97 22.05 4.77
N GLY B 288 14.27 22.25 5.09
CA GLY B 288 14.73 22.80 6.36
C GLY B 288 14.71 24.31 6.40
N SER B 289 14.52 24.92 5.24
CA SER B 289 14.54 26.39 5.09
C SER B 289 13.67 26.74 3.88
N LEU B 290 13.22 27.97 3.78
CA LEU B 290 12.55 28.49 2.57
C LEU B 290 13.52 28.41 1.38
N ALA B 291 14.82 28.66 1.53
CA ALA B 291 15.75 28.60 0.41
C ALA B 291 15.75 27.21 -0.21
N GLU B 292 15.68 26.14 0.60
CA GLU B 292 15.66 24.79 -0.02
C GLU B 292 14.42 24.62 -0.93
N GLN B 293 13.24 25.01 -0.42
CA GLN B 293 12.02 24.92 -1.23
C GLN B 293 12.21 25.78 -2.50
N LYS B 294 12.80 26.98 -2.40
CA LYS B 294 12.93 27.89 -3.54
C LYS B 294 13.83 27.29 -4.62
N GLU B 295 14.95 26.65 -4.25
CA GLU B 295 15.83 26.08 -5.28
C GLU B 295 15.08 24.96 -6.04
N PHE B 296 14.33 24.15 -5.31
CA PHE B 296 13.48 23.12 -5.98
C PHE B 296 12.45 23.79 -6.93
N LEU B 297 11.78 24.80 -6.44
CA LEU B 297 10.71 25.48 -7.22
C LEU B 297 11.32 26.02 -8.54
N VAL B 298 12.42 26.79 -8.46
N VAL B 298 12.46 26.71 -8.51
CA VAL B 298 13.08 27.39 -9.65
CA VAL B 298 12.91 27.38 -9.77
C VAL B 298 13.26 26.26 -10.69
C VAL B 298 13.36 26.29 -10.77
N ASP B 299 13.98 25.21 -10.27
CA ASP B 299 14.35 24.14 -11.21
C ASP B 299 13.10 23.40 -11.74
N ALA B 300 12.11 23.18 -10.88
CA ALA B 300 10.87 22.51 -11.31
C ALA B 300 10.20 23.32 -12.44
N LEU B 301 10.03 24.61 -12.24
CA LEU B 301 9.37 25.46 -13.22
C LEU B 301 10.15 25.51 -14.53
N ALA B 302 11.48 25.58 -14.50
CA ALA B 302 12.24 25.57 -15.76
C ALA B 302 11.95 24.32 -16.59
N TYR B 303 11.80 23.19 -15.92
CA TYR B 303 11.47 21.93 -16.57
C TYR B 303 10.01 22.00 -17.09
N LEU B 304 9.06 22.30 -16.19
CA LEU B 304 7.61 22.21 -16.51
C LEU B 304 7.23 23.17 -17.63
N GLU B 305 7.79 24.37 -17.62
CA GLU B 305 7.44 25.36 -18.70
C GLU B 305 7.90 24.87 -20.06
N ASN B 306 9.01 24.13 -20.12
CA ASN B 306 9.60 23.70 -21.42
C ASN B 306 9.21 22.27 -21.87
N GLU B 307 8.46 21.57 -21.02
CA GLU B 307 8.03 20.20 -21.33
C GLU B 307 6.64 20.24 -22.00
N PRO B 308 6.51 19.94 -23.34
CA PRO B 308 5.20 20.08 -23.96
C PRO B 308 4.11 19.16 -23.41
N ARG B 309 4.47 18.01 -22.84
CA ARG B 309 3.46 17.08 -22.30
C ARG B 309 2.81 17.65 -21.03
N ILE B 310 3.41 18.66 -20.40
CA ILE B 310 2.78 19.32 -19.24
C ILE B 310 1.93 20.46 -19.79
N ALA B 311 0.63 20.33 -19.72
CA ALA B 311 -0.30 21.38 -20.16
C ALA B 311 -0.43 22.48 -19.11
N LYS B 312 -0.48 22.09 -17.86
CA LYS B 312 -0.77 22.98 -16.72
C LYS B 312 -0.05 22.43 -15.50
N TYR B 313 0.22 23.34 -14.59
CA TYR B 313 0.72 22.89 -13.27
C TYR B 313 0.21 23.85 -12.19
N ALA B 314 0.10 23.34 -10.97
CA ALA B 314 -0.39 24.15 -9.83
C ALA B 314 0.47 23.84 -8.62
N TRP B 315 1.13 24.89 -8.07
CA TRP B 315 1.94 24.80 -6.84
C TRP B 315 1.00 24.51 -5.66
N PHE B 316 1.48 23.69 -4.72
CA PHE B 316 0.86 23.52 -3.41
C PHE B 316 1.74 24.28 -2.40
N SER B 317 1.29 25.44 -1.83
CA SER B 317 -0.02 26.05 -1.94
C SER B 317 0.14 27.55 -1.71
N GLY B 318 -0.95 28.30 -1.70
CA GLY B 318 -0.91 29.72 -1.30
C GLY B 318 -0.41 29.84 0.13
N ARG B 319 -1.10 29.13 1.03
CA ARG B 319 -0.68 28.95 2.43
C ARG B 319 -1.03 27.51 2.80
N ALA B 320 -0.13 26.81 3.47
CA ALA B 320 -0.40 25.47 4.03
C ALA B 320 0.49 25.21 5.21
N ASP B 321 0.04 24.36 6.10
CA ASP B 321 0.79 23.99 7.33
C ASP B 321 1.44 22.60 7.21
N ASN B 322 1.07 21.78 6.24
CA ASN B 322 1.35 20.31 6.27
C ASN B 322 2.59 19.94 5.44
N VAL B 323 3.11 20.89 4.70
CA VAL B 323 4.36 20.75 3.91
C VAL B 323 5.28 21.90 4.27
N ARG B 324 6.48 21.56 4.73
CA ARG B 324 7.39 22.57 5.27
C ARG B 324 7.71 23.63 4.19
N HIS B 325 7.56 24.90 4.54
CA HIS B 325 7.99 26.04 3.70
C HIS B 325 7.30 26.02 2.32
N ALA B 326 6.10 25.41 2.19
CA ALA B 326 5.39 25.37 0.90
C ALA B 326 4.60 26.66 0.59
N SER B 327 4.35 27.51 1.57
CA SER B 327 3.48 28.68 1.37
C SER B 327 4.13 29.72 0.43
N LEU B 328 3.37 30.26 -0.51
CA LEU B 328 3.82 31.41 -1.38
C LEU B 328 3.53 32.77 -0.73
N LEU B 329 2.52 32.79 0.14
CA LEU B 329 1.98 34.00 0.73
C LEU B 329 2.28 34.07 2.22
N GLY B 330 2.52 35.25 2.71
CA GLY B 330 2.67 35.58 4.13
C GLY B 330 1.39 36.22 4.63
N ASP B 331 1.50 37.43 5.14
CA ASP B 331 0.30 38.16 5.61
C ASP B 331 -0.63 38.42 4.41
N ASP B 332 -1.83 38.88 4.68
CA ASP B 332 -2.81 39.22 3.62
C ASP B 332 -2.17 40.09 2.54
N GLY B 333 -2.28 39.65 1.28
CA GLY B 333 -1.82 40.39 0.11
C GLY B 333 -0.31 40.51 -0.01
N GLU B 334 0.49 39.68 0.66
CA GLU B 334 1.97 39.76 0.65
C GLU B 334 2.54 38.43 0.13
N LEU B 335 3.34 38.51 -0.92
CA LEU B 335 4.24 37.39 -1.32
C LEU B 335 5.32 37.29 -0.24
N ASN B 336 5.78 36.06 0.00
CA ASN B 336 7.08 35.85 0.70
C ASN B 336 8.17 35.56 -0.34
N GLU B 337 9.40 35.22 0.06
CA GLU B 337 10.48 35.01 -0.91
C GLU B 337 10.09 33.90 -1.91
N LEU B 338 9.39 32.90 -1.41
CA LEU B 338 9.00 31.80 -2.31
C LEU B 338 7.95 32.28 -3.35
N GLY B 339 6.97 33.02 -2.88
CA GLY B 339 6.04 33.73 -3.80
C GLY B 339 6.76 34.59 -4.86
N GLN B 340 7.78 35.36 -4.40
CA GLN B 340 8.51 36.18 -5.40
C GLN B 340 9.18 35.32 -6.48
N ALA B 341 9.71 34.16 -6.10
CA ALA B 341 10.32 33.25 -7.09
C ALA B 341 9.23 32.68 -8.03
N TYR B 342 8.07 32.32 -7.47
CA TYR B 342 6.99 31.72 -8.31
C TYR B 342 6.50 32.73 -9.36
N VAL B 343 6.35 34.00 -8.96
CA VAL B 343 5.78 34.99 -9.92
C VAL B 343 6.86 35.43 -10.93
N SER B 344 8.12 35.38 -10.57
CA SER B 344 9.24 35.83 -11.42
C SER B 344 9.72 34.81 -12.45
N ALA B 345 9.52 33.54 -12.21
CA ALA B 345 10.10 32.51 -13.05
C ALA B 345 9.67 32.71 -14.51
N PRO B 346 10.59 32.56 -15.48
CA PRO B 346 10.20 32.70 -16.89
C PRO B 346 9.04 31.80 -17.34
N GLN B 347 8.24 32.30 -18.28
CA GLN B 347 7.15 31.44 -18.85
C GLN B 347 7.30 31.19 -20.34
N HIS B 348 7.11 29.90 -20.80
CA HIS B 348 7.14 29.45 -22.23
C HIS B 348 6.21 30.40 -23.02
N ALA B 349 5.02 30.62 -22.45
CA ALA B 349 4.13 31.80 -22.59
C ALA B 349 4.91 33.09 -22.25
C TRS C . -2.61 -15.92 1.57
C1 TRS C . -3.06 -16.34 2.96
C2 TRS C . -3.81 -15.31 0.85
C3 TRS C . -2.23 -17.20 0.84
N TRS C . -1.44 -14.96 1.62
O1 TRS C . -2.37 -15.69 3.98
O2 TRS C . -3.40 -14.28 0.03
O3 TRS C . -3.46 -17.87 0.41
N1 EPE D . -12.33 -17.73 8.08
C2 EPE D . -13.01 -18.92 7.50
C3 EPE D . -12.05 -20.10 7.39
N4 EPE D . -10.79 -19.71 6.71
C5 EPE D . -10.25 -18.33 7.10
C6 EPE D . -11.32 -17.20 7.12
C7 EPE D . -9.84 -20.83 6.93
C8 EPE D . -8.93 -20.89 5.75
O8 EPE D . -9.69 -21.30 4.56
C9 EPE D . -13.35 -16.83 8.59
C10 EPE D . -13.67 -15.64 7.73
S EPE D . -14.69 -14.69 8.65
O1S EPE D . -13.98 -14.08 9.83
O2S EPE D . -15.21 -13.64 7.72
O3S EPE D . -15.84 -15.49 9.13
CA CA E . 21.76 -20.22 -6.44
CA CA F . -18.93 -10.23 13.39
CL CL G . -5.94 -40.43 13.51
C TRS H . -3.31 16.34 -0.08
C1 TRS H . -4.63 16.08 -0.80
C2 TRS H . -3.67 16.33 1.39
C3 TRS H . -2.21 15.30 -0.41
N TRS H . -2.80 17.69 -0.44
O1 TRS H . -4.70 16.34 -2.17
O2 TRS H . -2.69 16.96 2.17
O3 TRS H . -2.60 13.95 -0.10
CA CA I . 19.74 24.34 -8.82
CL CL J . -3.03 7.62 -22.30
#